data_3HT5
#
_entry.id   3HT5
#
_cell.length_a   65.454
_cell.length_b   85.351
_cell.length_c   59.715
_cell.angle_alpha   90.00
_cell.angle_beta   90.00
_cell.angle_gamma   90.00
#
_symmetry.space_group_name_H-M   'P 21 21 2'
#
loop_
_entity.id
_entity.type
_entity.pdbx_description
1 polymer 'branched-chain-amino-acid aminotransferase'
2 non-polymer "4'-DEOXY-4'-AMINOPYRIDOXAL-5'-PHOSPHATE"
3 water water
#
_entity_poly.entity_id   1
_entity_poly.type   'polypeptide(L)'
_entity_poly.pdbx_seq_one_letter_code
;MTSGSLQFTVLRAVNPATDAQRESMLREPGFGKYHTDHMVSIDYAEGRGWHNARVIPYGPIELDPSAIVLHYAQEVFEGL
KAYRWADGSIVSFRADANAARLRSSARRLAIPELPDAVFIESLRQLIAVDKAWVPGAGGEEALYLRPFIFATEPGLGVRP
ATQYRYLLIASPAGAYFKGGIAPVSVWVSTEYVRACPGGTGAAKFGGNYAASLLAQAEAAENGCDQVVWLDAVERRYIEE
MGGMNIFFVLGSGGSARLVTPELSGSLLPGITRDSLLQLAIDAGFAVEERRIDIDEWQKKAAAGEITEVFACGTAAVITP
VARVRHGASEFRIADGQPGEVTMALRDTLTGIQRGTFADTHGWMARLG
;
_entity_poly.pdbx_strand_id   A
#
loop_
_chem_comp.id
_chem_comp.type
_chem_comp.name
_chem_comp.formula
PMP non-polymer 4'-DEOXY-4'-AMINOPYRIDOXAL-5'-PHOSPHATE 'C8 H13 N2 O5 P'
#
# COMPACT_ATOMS: atom_id res chain seq x y z
N TYR A 34 -6.21 -17.50 -5.57
CA TYR A 34 -7.42 -17.46 -4.69
C TYR A 34 -8.32 -16.27 -4.99
N HIS A 35 -8.88 -16.23 -6.19
CA HIS A 35 -9.78 -15.15 -6.59
C HIS A 35 -11.24 -15.49 -6.26
N THR A 36 -12.12 -14.51 -6.36
CA THR A 36 -13.56 -14.71 -6.15
C THR A 36 -14.21 -15.04 -7.49
N ASP A 37 -15.53 -15.20 -7.49
CA ASP A 37 -16.26 -15.70 -8.66
C ASP A 37 -16.33 -14.71 -9.82
N HIS A 38 -16.38 -13.42 -9.51
CA HIS A 38 -16.60 -12.39 -10.53
C HIS A 38 -15.51 -11.32 -10.58
N MET A 39 -15.63 -10.45 -11.59
CA MET A 39 -14.78 -9.28 -11.74
C MET A 39 -15.55 -8.18 -12.47
N VAL A 40 -15.17 -6.93 -12.22
CA VAL A 40 -15.77 -5.80 -12.93
C VAL A 40 -14.84 -5.39 -14.06
N SER A 41 -15.42 -5.11 -15.23
CA SER A 41 -14.68 -4.71 -16.42
C SER A 41 -15.23 -3.39 -16.96
N ILE A 42 -14.35 -2.43 -17.23
CA ILE A 42 -14.71 -1.15 -17.86
C ILE A 42 -13.67 -0.85 -18.92
N ASP A 43 -14.13 -0.40 -20.08
CA ASP A 43 -13.24 -0.12 -21.21
C ASP A 43 -13.06 1.37 -21.39
N TYR A 44 -11.91 1.75 -21.94
CA TYR A 44 -11.70 3.12 -22.37
C TYR A 44 -11.41 3.13 -23.85
N ALA A 45 -12.10 4.02 -24.56
CA ALA A 45 -11.77 4.35 -25.95
C ALA A 45 -11.89 5.86 -26.06
N GLU A 46 -11.00 6.49 -26.84
CA GLU A 46 -10.92 7.96 -26.87
C GLU A 46 -12.21 8.70 -27.25
N GLY A 47 -13.01 8.12 -28.14
CA GLY A 47 -14.28 8.78 -28.49
C GLY A 47 -15.37 8.65 -27.43
N ARG A 48 -15.19 7.71 -26.51
CA ARG A 48 -16.27 7.25 -25.66
C ARG A 48 -15.99 7.41 -24.16
N GLY A 49 -14.73 7.64 -23.83
CA GLY A 49 -14.30 7.67 -22.44
C GLY A 49 -14.43 6.29 -21.81
N TRP A 50 -14.61 6.26 -20.51
CA TRP A 50 -14.80 5.02 -19.79
C TRP A 50 -16.25 4.56 -19.95
N HIS A 51 -16.43 3.35 -20.47
CA HIS A 51 -17.76 2.86 -20.85
C HIS A 51 -17.81 1.34 -20.76
N ASN A 52 -19.00 0.80 -21.01
CA ASN A 52 -19.25 -0.65 -21.01
C ASN A 52 -18.87 -1.32 -19.68
N ALA A 53 -19.12 -0.62 -18.58
CA ALA A 53 -18.90 -1.18 -17.25
C ALA A 53 -19.82 -2.37 -17.08
N ARG A 54 -19.27 -3.49 -16.62
CA ARG A 54 -20.03 -4.72 -16.48
C ARG A 54 -19.41 -5.65 -15.46
N VAL A 55 -20.23 -6.46 -14.81
CA VAL A 55 -19.72 -7.55 -14.00
C VAL A 55 -19.87 -8.88 -14.71
N ILE A 56 -18.77 -9.63 -14.77
CA ILE A 56 -18.67 -10.86 -15.54
C ILE A 56 -17.90 -11.87 -14.72
N PRO A 57 -17.97 -13.17 -15.09
CA PRO A 57 -17.18 -14.14 -14.34
C PRO A 57 -15.68 -13.84 -14.43
N TYR A 58 -14.96 -14.10 -13.35
CA TYR A 58 -13.50 -14.11 -13.37
C TYR A 58 -13.03 -15.17 -14.36
N GLY A 59 -12.18 -14.77 -15.29
CA GLY A 59 -11.65 -15.69 -16.28
C GLY A 59 -10.61 -14.99 -17.13
N PRO A 60 -9.94 -15.73 -18.02
CA PRO A 60 -8.86 -15.17 -18.83
C PRO A 60 -9.36 -14.01 -19.66
N ILE A 61 -8.49 -13.05 -19.93
CA ILE A 61 -8.81 -11.94 -20.79
C ILE A 61 -7.90 -12.02 -22.01
N GLU A 62 -8.27 -11.31 -23.07
CA GLU A 62 -7.48 -11.32 -24.30
C GLU A 62 -6.84 -9.98 -24.59
N LEU A 63 -5.64 -10.06 -25.17
CA LEU A 63 -4.88 -8.89 -25.61
C LEU A 63 -4.28 -9.18 -26.98
N ASP A 64 -4.18 -8.15 -27.81
CA ASP A 64 -3.38 -8.21 -29.03
C ASP A 64 -1.91 -8.36 -28.61
N PRO A 65 -1.12 -9.16 -29.34
CA PRO A 65 0.31 -9.26 -29.00
C PRO A 65 1.03 -7.91 -28.91
N SER A 66 0.53 -6.91 -29.63
CA SER A 66 1.17 -5.60 -29.65
C SER A 66 0.55 -4.60 -28.66
N ALA A 67 -0.37 -5.09 -27.82
CA ALA A 67 -1.00 -4.27 -26.76
C ALA A 67 0.08 -3.51 -25.99
N ILE A 68 -0.11 -2.21 -25.81
CA ILE A 68 0.95 -1.36 -25.19
C ILE A 68 1.47 -1.86 -23.83
N VAL A 69 0.57 -2.36 -22.99
CA VAL A 69 0.97 -2.88 -21.68
C VAL A 69 2.06 -3.95 -21.75
N LEU A 70 2.07 -4.75 -22.81
CA LEU A 70 3.00 -5.88 -22.95
C LEU A 70 4.41 -5.45 -23.40
N HIS A 71 4.56 -4.17 -23.76
CA HIS A 71 5.82 -3.64 -24.28
C HIS A 71 6.33 -2.46 -23.47
N TYR A 72 5.43 -1.52 -23.13
CA TYR A 72 5.80 -0.24 -22.50
C TYR A 72 5.12 -0.02 -21.15
N ALA A 73 4.55 -1.08 -20.58
CA ALA A 73 4.13 -1.13 -19.17
C ALA A 73 3.23 0.02 -18.72
N GLN A 74 2.34 0.46 -19.61
CA GLN A 74 1.46 1.56 -19.26
C GLN A 74 0.28 1.04 -18.44
N GLU A 75 0.46 1.06 -17.12
CA GLU A 75 -0.47 0.45 -16.17
C GLU A 75 -0.34 1.10 -14.80
N VAL A 76 -1.45 1.12 -14.08
CA VAL A 76 -1.46 1.59 -12.68
C VAL A 76 -2.48 0.76 -11.91
N PHE A 77 -2.33 0.71 -10.59
CA PHE A 77 -3.20 -0.13 -9.78
C PHE A 77 -3.40 0.41 -8.38
N GLU A 78 -4.34 -0.21 -7.68
CA GLU A 78 -4.65 0.12 -6.30
C GLU A 78 -4.79 -1.13 -5.44
N GLY A 79 -4.99 -0.93 -4.14
CA GLY A 79 -5.17 -2.05 -3.23
C GLY A 79 -5.90 -1.56 -1.99
N LEU A 80 -7.01 -2.20 -1.68
CA LEU A 80 -7.82 -1.84 -0.51
C LEU A 80 -8.65 -3.04 -0.10
N LYS A 81 -9.28 -2.99 1.07
CA LYS A 81 -10.03 -4.13 1.57
C LYS A 81 -11.52 -3.84 1.78
N ALA A 82 -12.31 -4.89 1.67
CA ALA A 82 -13.68 -4.87 2.16
C ALA A 82 -13.71 -5.71 3.41
N TYR A 83 -14.33 -5.16 4.46
CA TYR A 83 -14.38 -5.78 5.76
C TYR A 83 -15.82 -6.13 6.10
N ARG A 84 -16.03 -7.32 6.68
CA ARG A 84 -17.35 -7.68 7.19
C ARG A 84 -17.45 -7.23 8.65
N TRP A 85 -18.55 -6.57 8.99
CA TRP A 85 -18.78 -6.12 10.34
C TRP A 85 -19.70 -7.09 11.10
N ALA A 86 -19.70 -6.97 12.43
CA ALA A 86 -20.49 -7.86 13.30
C ALA A 86 -21.97 -7.93 12.89
N ASP A 87 -22.48 -6.81 12.36
CA ASP A 87 -23.90 -6.69 12.00
C ASP A 87 -24.25 -7.23 10.62
N GLY A 88 -23.25 -7.74 9.90
CA GLY A 88 -23.47 -8.29 8.56
C GLY A 88 -23.20 -7.34 7.40
N SER A 89 -22.93 -6.08 7.72
CA SER A 89 -22.63 -5.10 6.69
C SER A 89 -21.22 -5.31 6.12
N ILE A 90 -21.02 -4.90 4.87
CA ILE A 90 -19.69 -4.91 4.26
C ILE A 90 -19.27 -3.45 4.11
N VAL A 91 -18.07 -3.12 4.59
CA VAL A 91 -17.58 -1.75 4.60
C VAL A 91 -16.22 -1.60 3.91
N SER A 92 -15.91 -0.37 3.49
CA SER A 92 -14.60 -0.01 2.98
C SER A 92 -13.94 1.00 3.94
N PHE A 93 -12.61 1.03 3.91
CA PHE A 93 -11.81 1.99 4.67
C PHE A 93 -11.13 2.98 3.72
N ARG A 94 -11.55 4.25 3.79
CA ARG A 94 -11.00 5.33 2.95
C ARG A 94 -10.92 5.01 1.45
N ALA A 95 -11.98 4.39 0.91
CA ALA A 95 -11.99 3.97 -0.49
C ALA A 95 -11.93 5.18 -1.42
N ASP A 96 -12.46 6.30 -0.96
CA ASP A 96 -12.35 7.58 -1.67
C ASP A 96 -10.89 8.00 -1.91
N ALA A 97 -10.02 7.73 -0.93
CA ALA A 97 -8.59 8.01 -1.07
C ALA A 97 -7.96 7.12 -2.15
N ASN A 98 -8.36 5.86 -2.20
CA ASN A 98 -7.87 4.96 -3.25
C ASN A 98 -8.32 5.39 -4.63
N ALA A 99 -9.59 5.83 -4.72
CA ALA A 99 -10.16 6.31 -5.97
C ALA A 99 -9.31 7.46 -6.51
N ALA A 100 -9.02 8.42 -5.63
CA ALA A 100 -8.28 9.61 -6.01
C ALA A 100 -6.82 9.29 -6.32
N ARG A 101 -6.25 8.33 -5.60
CA ARG A 101 -4.86 7.93 -5.85
C ARG A 101 -4.69 7.19 -7.17
N LEU A 102 -5.68 6.36 -7.54
CA LEU A 102 -5.66 5.75 -8.86
C LEU A 102 -5.66 6.82 -9.97
N ARG A 103 -6.35 7.93 -9.75
CA ARG A 103 -6.34 9.04 -10.72
C ARG A 103 -4.98 9.74 -10.77
N SER A 104 -4.39 9.99 -9.59
CA SER A 104 -3.06 10.59 -9.49
CA SER A 104 -3.07 10.61 -9.54
C SER A 104 -2.01 9.71 -10.20
N SER A 105 -2.06 8.41 -9.93
CA SER A 105 -1.16 7.46 -10.60
C SER A 105 -1.38 7.49 -12.12
N ALA A 106 -2.65 7.42 -12.53
CA ALA A 106 -2.99 7.46 -13.95
C ALA A 106 -2.45 8.71 -14.63
N ARG A 107 -2.66 9.87 -14.01
CA ARG A 107 -2.11 11.13 -14.53
C ARG A 107 -0.60 11.06 -14.83
N ARG A 108 0.16 10.57 -13.86
CA ARG A 108 1.61 10.48 -14.01
C ARG A 108 2.01 9.52 -15.13
N LEU A 109 1.18 8.50 -15.38
CA LEU A 109 1.44 7.51 -16.43
C LEU A 109 0.72 7.80 -17.74
N ALA A 110 0.19 9.00 -17.88
CA ALA A 110 -0.48 9.45 -19.11
C ALA A 110 -1.70 8.58 -19.46
N ILE A 111 -2.40 8.13 -18.41
CA ILE A 111 -3.60 7.32 -18.54
C ILE A 111 -4.84 8.17 -18.20
N PRO A 112 -5.89 8.13 -19.05
CA PRO A 112 -7.13 8.85 -18.73
C PRO A 112 -7.68 8.39 -17.39
N GLU A 113 -7.96 9.36 -16.52
CA GLU A 113 -8.44 9.10 -15.16
C GLU A 113 -9.78 8.40 -15.17
N LEU A 114 -9.93 7.40 -14.30
CA LEU A 114 -11.22 6.79 -14.02
C LEU A 114 -11.89 7.65 -12.94
N PRO A 115 -13.09 8.20 -13.24
CA PRO A 115 -13.73 9.07 -12.24
C PRO A 115 -13.97 8.33 -10.92
N ASP A 116 -13.84 9.06 -9.81
CA ASP A 116 -13.98 8.46 -8.47
C ASP A 116 -15.31 7.73 -8.29
N ALA A 117 -16.40 8.33 -8.79
CA ALA A 117 -17.75 7.73 -8.66
C ALA A 117 -17.82 6.38 -9.37
N VAL A 118 -17.12 6.27 -10.49
CA VAL A 118 -17.04 5.02 -11.24
C VAL A 118 -16.21 3.97 -10.49
N PHE A 119 -15.07 4.40 -9.94
CA PHE A 119 -14.25 3.56 -9.06
C PHE A 119 -15.07 3.01 -7.88
N ILE A 120 -15.74 3.90 -7.16
CA ILE A 120 -16.52 3.50 -5.99
C ILE A 120 -17.66 2.53 -6.39
N GLU A 121 -18.38 2.87 -7.46
CA GLU A 121 -19.48 2.03 -7.93
C GLU A 121 -19.04 0.61 -8.32
N SER A 122 -17.85 0.50 -8.92
CA SER A 122 -17.27 -0.82 -9.25
C SER A 122 -17.09 -1.69 -8.00
N LEU A 123 -16.66 -1.07 -6.89
CA LEU A 123 -16.51 -1.77 -5.62
C LEU A 123 -17.87 -2.34 -5.15
N ARG A 124 -18.89 -1.49 -5.17
CA ARG A 124 -20.26 -1.89 -4.79
C ARG A 124 -20.81 -3.00 -5.68
N GLN A 125 -20.57 -2.88 -6.98
CA GLN A 125 -21.02 -3.88 -7.95
C GLN A 125 -20.40 -5.26 -7.73
N LEU A 126 -19.11 -5.31 -7.40
CA LEU A 126 -18.43 -6.59 -7.15
C LEU A 126 -18.86 -7.21 -5.82
N ILE A 127 -19.00 -6.37 -4.79
CA ILE A 127 -19.47 -6.81 -3.47
C ILE A 127 -20.91 -7.34 -3.54
N ALA A 128 -21.73 -6.74 -4.40
CA ALA A 128 -23.14 -7.16 -4.57
C ALA A 128 -23.23 -8.62 -4.99
N VAL A 129 -22.34 -9.05 -5.87
CA VAL A 129 -22.35 -10.43 -6.37
C VAL A 129 -21.48 -11.39 -5.56
N ASP A 130 -20.37 -10.89 -5.01
CA ASP A 130 -19.39 -11.75 -4.35
C ASP A 130 -19.28 -11.59 -2.83
N LYS A 131 -20.28 -10.96 -2.20
CA LYS A 131 -20.19 -10.69 -0.75
C LYS A 131 -19.96 -11.91 0.14
N ALA A 132 -20.46 -13.07 -0.29
CA ALA A 132 -20.22 -14.33 0.41
C ALA A 132 -18.72 -14.65 0.56
N TRP A 133 -17.91 -14.06 -0.30
CA TRP A 133 -16.46 -14.23 -0.25
C TRP A 133 -15.77 -13.41 0.84
N VAL A 134 -16.43 -12.36 1.31
CA VAL A 134 -15.87 -11.54 2.40
C VAL A 134 -15.82 -12.41 3.66
N PRO A 135 -14.62 -12.59 4.26
CA PRO A 135 -14.46 -13.41 5.47
C PRO A 135 -15.28 -12.92 6.66
N GLY A 136 -15.35 -13.71 7.72
CA GLY A 136 -16.08 -13.31 8.92
C GLY A 136 -15.49 -12.10 9.65
N ALA A 137 -16.33 -11.44 10.43
CA ALA A 137 -15.90 -10.44 11.41
C ALA A 137 -15.27 -11.17 12.63
N GLY A 138 -14.55 -10.49 13.51
CA GLY A 138 -13.78 -9.30 13.27
C GLY A 138 -12.40 -9.65 13.81
N GLY A 139 -11.53 -10.10 12.90
CA GLY A 139 -10.13 -10.37 13.20
C GLY A 139 -9.30 -9.79 12.07
N GLU A 140 -8.23 -10.49 11.71
CA GLU A 140 -7.34 -10.00 10.64
C GLU A 140 -7.88 -10.21 9.22
N GLU A 141 -8.95 -10.98 9.09
CA GLU A 141 -9.43 -11.42 7.78
C GLU A 141 -10.36 -10.45 7.08
N ALA A 142 -10.13 -10.26 5.79
CA ALA A 142 -10.85 -9.31 4.97
C ALA A 142 -10.71 -9.73 3.52
N LEU A 143 -11.46 -9.09 2.64
CA LEU A 143 -11.37 -9.35 1.21
C LEU A 143 -10.50 -8.28 0.58
N TYR A 144 -9.38 -8.68 -0.02
CA TYR A 144 -8.51 -7.73 -0.70
C TYR A 144 -9.06 -7.42 -2.09
N LEU A 145 -9.19 -6.13 -2.37
CA LEU A 145 -9.68 -5.67 -3.67
C LEU A 145 -8.53 -5.07 -4.47
N ARG A 146 -8.40 -5.52 -5.70
CA ARG A 146 -7.37 -5.07 -6.62
C ARG A 146 -8.02 -4.37 -7.84
N PRO A 147 -8.17 -3.04 -7.79
CA PRO A 147 -8.50 -2.26 -8.97
C PRO A 147 -7.24 -1.97 -9.79
N PHE A 148 -7.33 -2.11 -11.10
CA PHE A 148 -6.17 -1.93 -11.96
C PHE A 148 -6.52 -1.55 -13.38
N ILE A 149 -5.63 -0.78 -14.01
CA ILE A 149 -5.81 -0.29 -15.36
C ILE A 149 -4.59 -0.67 -16.19
N PHE A 150 -4.81 -1.10 -17.43
CA PHE A 150 -3.72 -1.38 -18.34
C PHE A 150 -4.06 -0.94 -19.76
N ALA A 151 -3.04 -0.51 -20.49
CA ALA A 151 -3.18 -0.10 -21.89
C ALA A 151 -3.40 -1.32 -22.78
N THR A 152 -4.46 -1.28 -23.59
CA THR A 152 -4.81 -2.40 -24.47
C THR A 152 -4.60 -2.09 -25.96
N GLU A 153 -4.44 -0.81 -26.29
CA GLU A 153 -4.27 -0.41 -27.69
C GLU A 153 -3.09 -1.13 -28.34
N PRO A 154 -3.34 -1.78 -29.49
CA PRO A 154 -2.26 -2.39 -30.26
C PRO A 154 -1.43 -1.33 -30.98
N GLY A 155 -0.20 -1.70 -31.35
CA GLY A 155 0.69 -0.78 -32.08
C GLY A 155 1.94 -0.54 -31.27
N LEU A 156 3.09 -0.60 -31.94
CA LEU A 156 4.40 -0.56 -31.27
C LEU A 156 4.97 0.85 -31.09
N GLY A 157 4.23 1.87 -31.50
CA GLY A 157 4.65 3.25 -31.27
C GLY A 157 4.73 3.54 -29.78
N VAL A 158 5.79 4.21 -29.35
CA VAL A 158 5.91 4.62 -27.95
C VAL A 158 5.15 5.92 -27.73
N ARG A 159 3.94 5.79 -27.19
CA ARG A 159 3.04 6.93 -26.95
C ARG A 159 1.95 6.47 -25.98
N PRO A 160 1.23 7.43 -25.36
CA PRO A 160 0.12 6.98 -24.51
C PRO A 160 -0.95 6.25 -25.34
N ALA A 161 -1.48 5.15 -24.83
CA ALA A 161 -2.59 4.45 -25.51
C ALA A 161 -3.84 5.31 -25.59
N THR A 162 -4.74 4.96 -26.50
CA THR A 162 -6.05 5.58 -26.57
C THR A 162 -7.13 4.55 -26.26
N GLN A 163 -6.68 3.35 -25.88
CA GLN A 163 -7.57 2.26 -25.45
C GLN A 163 -7.01 1.61 -24.20
N TYR A 164 -7.85 1.45 -23.18
CA TYR A 164 -7.45 0.85 -21.91
C TYR A 164 -8.52 -0.12 -21.43
N ARG A 165 -8.16 -0.94 -20.46
CA ARG A 165 -9.15 -1.67 -19.70
C ARG A 165 -8.91 -1.48 -18.20
N TYR A 166 -10.01 -1.34 -17.47
CA TYR A 166 -10.00 -1.39 -16.03
C TYR A 166 -10.63 -2.70 -15.58
N LEU A 167 -9.94 -3.37 -14.66
CA LEU A 167 -10.53 -4.54 -14.01
C LEU A 167 -10.51 -4.36 -12.50
N LEU A 168 -11.50 -4.96 -11.85
CA LEU A 168 -11.53 -5.06 -10.40
C LEU A 168 -11.69 -6.53 -10.02
N ILE A 169 -10.70 -7.06 -9.29
CA ILE A 169 -10.70 -8.45 -8.86
C ILE A 169 -10.53 -8.51 -7.34
N ALA A 170 -10.90 -9.65 -6.75
CA ALA A 170 -10.86 -9.79 -5.29
C ALA A 170 -10.24 -11.11 -4.84
N SER A 171 -9.58 -11.07 -3.68
CA SER A 171 -8.87 -12.21 -3.13
C SER A 171 -9.04 -12.20 -1.61
N PRO A 172 -9.54 -13.30 -1.01
CA PRO A 172 -9.55 -13.34 0.47
C PRO A 172 -8.12 -13.24 1.04
N ALA A 173 -7.98 -12.57 2.18
CA ALA A 173 -6.68 -12.28 2.76
C ALA A 173 -6.71 -12.32 4.30
N GLY A 174 -5.54 -12.41 4.91
CA GLY A 174 -5.41 -12.24 6.36
C GLY A 174 -5.45 -13.49 7.21
N ALA A 175 -5.57 -14.67 6.58
CA ALA A 175 -5.52 -15.94 7.31
C ALA A 175 -4.08 -16.26 7.73
N TYR A 176 -3.94 -16.94 8.85
CA TYR A 176 -2.65 -17.30 9.40
C TYR A 176 -1.76 -16.05 9.54
N PHE A 177 -2.34 -14.99 10.10
CA PHE A 177 -1.64 -13.72 10.26
C PHE A 177 -0.71 -13.67 11.48
N LYS A 178 -1.09 -14.32 12.58
CA LYS A 178 -0.30 -14.19 13.80
C LYS A 178 -0.61 -12.90 14.55
N GLY A 179 -1.76 -12.34 14.21
CA GLY A 179 -2.28 -11.14 14.83
C GLY A 179 -1.58 -9.97 14.18
N GLY A 180 -0.76 -10.24 13.20
CA GLY A 180 -0.16 -9.20 12.41
C GLY A 180 0.99 -8.60 13.21
N ILE A 181 1.31 -9.27 14.31
CA ILE A 181 2.28 -8.73 15.26
C ILE A 181 3.68 -9.36 15.27
N ALA A 182 3.96 -10.32 14.39
CA ALA A 182 5.27 -10.90 14.39
C ALA A 182 6.26 -9.95 13.70
N PRO A 183 7.32 -9.58 14.41
CA PRO A 183 8.29 -8.61 13.88
C PRO A 183 9.06 -9.15 12.66
N VAL A 184 9.46 -8.24 11.78
CA VAL A 184 10.21 -8.59 10.59
C VAL A 184 11.64 -8.06 10.65
N SER A 185 12.52 -8.66 9.86
CA SER A 185 13.86 -8.14 9.63
C SER A 185 13.90 -7.49 8.25
N VAL A 186 14.68 -6.42 8.13
CA VAL A 186 14.71 -5.65 6.89
C VAL A 186 16.14 -5.49 6.35
N TRP A 187 16.26 -5.55 5.02
CA TRP A 187 17.53 -5.37 4.32
C TRP A 187 17.54 -3.98 3.70
N VAL A 188 18.57 -3.20 3.99
CA VAL A 188 18.72 -1.88 3.38
C VAL A 188 19.36 -2.02 2.01
N SER A 189 18.61 -1.70 0.96
CA SER A 189 19.15 -1.76 -0.41
C SER A 189 20.14 -0.63 -0.64
N THR A 190 21.40 -1.01 -0.86
CA THR A 190 22.44 -0.03 -1.13
C THR A 190 22.84 -0.03 -2.61
N GLU A 191 22.62 -1.15 -3.29
CA GLU A 191 23.02 -1.30 -4.70
C GLU A 191 21.90 -0.95 -5.67
N TYR A 192 20.65 -1.04 -5.22
CA TYR A 192 19.51 -0.81 -6.10
C TYR A 192 18.68 0.37 -5.68
N VAL A 193 18.09 1.01 -6.68
CA VAL A 193 17.24 2.17 -6.48
C VAL A 193 15.92 1.91 -7.19
N ARG A 194 14.84 2.15 -6.46
CA ARG A 194 13.50 1.81 -6.85
C ARG A 194 12.80 2.88 -7.70
N ALA A 195 13.06 4.14 -7.34
CA ALA A 195 12.45 5.28 -8.00
C ALA A 195 13.31 6.48 -7.68
N CYS A 196 13.08 7.58 -8.39
CA CYS A 196 13.85 8.80 -8.17
C CYS A 196 13.02 10.04 -8.38
N PRO A 197 13.45 11.19 -7.80
CA PRO A 197 12.78 12.46 -8.04
C PRO A 197 12.60 12.72 -9.52
N GLY A 198 11.43 13.20 -9.89
CA GLY A 198 11.09 13.42 -11.31
C GLY A 198 10.52 12.17 -11.94
N GLY A 199 10.56 11.06 -11.20
CA GLY A 199 10.11 9.76 -11.68
C GLY A 199 8.69 9.38 -11.29
N THR A 200 8.47 8.09 -11.11
CA THR A 200 7.13 7.53 -10.95
C THR A 200 6.88 6.96 -9.55
N GLY A 201 7.73 7.29 -8.59
CA GLY A 201 7.68 6.71 -7.25
C GLY A 201 6.51 7.17 -6.39
N ALA A 202 5.91 8.31 -6.75
CA ALA A 202 4.70 8.77 -6.04
C ALA A 202 3.41 8.23 -6.68
N ALA A 203 3.56 7.45 -7.75
CA ALA A 203 2.45 6.76 -8.40
C ALA A 203 2.47 5.28 -8.07
N LYS A 204 1.30 4.67 -7.96
CA LYS A 204 1.22 3.22 -7.73
C LYS A 204 1.22 2.55 -9.10
N PHE A 205 2.44 2.32 -9.60
CA PHE A 205 2.69 1.98 -10.99
C PHE A 205 3.55 0.74 -11.04
N GLY A 206 3.14 -0.24 -11.86
CA GLY A 206 3.76 -1.55 -11.90
C GLY A 206 5.28 -1.52 -12.05
N GLY A 207 5.76 -0.59 -12.87
CA GLY A 207 7.21 -0.44 -13.11
C GLY A 207 8.07 -0.25 -11.86
N ASN A 208 7.53 0.43 -10.84
CA ASN A 208 8.26 0.62 -9.57
C ASN A 208 8.53 -0.75 -8.91
N TYR A 209 7.56 -1.64 -9.04
CA TYR A 209 7.61 -2.95 -8.44
C TYR A 209 8.53 -3.88 -9.21
N ALA A 210 8.44 -3.82 -10.54
CA ALA A 210 9.38 -4.52 -11.43
C ALA A 210 10.84 -4.21 -11.06
N ALA A 211 11.15 -2.92 -10.92
CA ALA A 211 12.49 -2.44 -10.53
C ALA A 211 13.02 -2.99 -9.21
N SER A 212 12.12 -3.42 -8.33
CA SER A 212 12.46 -3.82 -6.95
CA SER A 212 12.48 -3.81 -6.97
C SER A 212 12.73 -5.31 -6.79
N LEU A 213 12.38 -6.09 -7.80
CA LEU A 213 12.41 -7.56 -7.69
C LEU A 213 13.77 -8.14 -7.35
N LEU A 214 14.80 -7.63 -8.01
CA LEU A 214 16.16 -8.13 -7.81
C LEU A 214 16.67 -7.92 -6.37
N ALA A 215 16.40 -6.76 -5.79
CA ALA A 215 16.84 -6.43 -4.43
C ALA A 215 16.15 -7.32 -3.39
N GLN A 216 14.92 -7.68 -3.71
CA GLN A 216 14.07 -8.52 -2.89
C GLN A 216 14.70 -9.92 -2.71
N ALA A 217 15.45 -10.36 -3.71
CA ALA A 217 16.18 -11.64 -3.67
C ALA A 217 17.43 -11.56 -2.81
N GLU A 218 18.18 -10.47 -2.94
CA GLU A 218 19.36 -10.24 -2.10
C GLU A 218 18.95 -10.18 -0.62
N ALA A 219 17.73 -9.69 -0.36
CA ALA A 219 17.18 -9.65 0.99
C ALA A 219 17.00 -11.06 1.57
N ALA A 220 16.36 -11.94 0.81
CA ALA A 220 16.14 -13.33 1.22
C ALA A 220 17.44 -14.08 1.46
N GLU A 221 18.40 -13.91 0.56
CA GLU A 221 19.71 -14.54 0.66
C GLU A 221 20.45 -14.14 1.95
N ASN A 222 20.10 -12.99 2.50
CA ASN A 222 20.62 -12.55 3.79
C ASN A 222 19.66 -12.88 4.95
N GLY A 223 18.64 -13.67 4.66
CA GLY A 223 17.63 -14.06 5.64
C GLY A 223 16.66 -12.97 6.07
N CYS A 224 16.53 -11.92 5.24
CA CYS A 224 15.68 -10.78 5.54
C CYS A 224 14.26 -10.87 4.93
N ASP A 225 13.28 -10.36 5.67
CA ASP A 225 11.87 -10.41 5.26
C ASP A 225 11.51 -9.33 4.24
N GLN A 226 12.06 -8.13 4.40
CA GLN A 226 11.69 -7.00 3.56
C GLN A 226 12.88 -6.13 3.19
N VAL A 227 12.65 -5.24 2.24
CA VAL A 227 13.68 -4.31 1.80
C VAL A 227 13.28 -2.89 2.15
N VAL A 228 14.21 -2.12 2.68
CA VAL A 228 14.08 -0.67 2.86
CA VAL A 228 14.02 -0.69 2.81
C VAL A 228 14.86 0.02 1.73
N TRP A 229 14.20 0.96 1.06
CA TRP A 229 14.77 1.67 -0.07
C TRP A 229 15.30 3.04 0.34
N LEU A 230 16.40 3.44 -0.30
CA LEU A 230 17.06 4.72 -0.02
C LEU A 230 16.91 5.67 -1.20
N ASP A 231 17.01 6.98 -0.94
CA ASP A 231 16.79 8.00 -1.97
C ASP A 231 17.80 7.89 -3.11
N ALA A 232 17.36 8.24 -4.31
CA ALA A 232 18.18 8.08 -5.52
C ALA A 232 19.37 9.03 -5.62
N VAL A 233 19.20 10.25 -5.10
CA VAL A 233 20.18 11.31 -5.32
C VAL A 233 21.39 11.19 -4.37
N GLU A 234 21.12 11.00 -3.08
CA GLU A 234 22.17 10.95 -2.06
C GLU A 234 22.39 9.57 -1.46
N ARG A 235 21.51 8.66 -1.79
CA ARG A 235 21.64 7.30 -1.42
C ARG A 235 21.72 7.14 0.10
N ARG A 236 20.92 7.91 0.84
CA ARG A 236 21.02 7.86 2.29
C ARG A 236 19.65 7.95 2.97
N TYR A 237 18.81 8.84 2.47
CA TYR A 237 17.51 9.06 3.10
C TYR A 237 16.52 7.91 2.91
N ILE A 238 15.87 7.53 4.00
CA ILE A 238 14.95 6.43 4.02
C ILE A 238 13.72 6.82 3.20
N GLU A 239 13.28 5.94 2.32
CA GLU A 239 12.12 6.21 1.48
C GLU A 239 10.95 5.41 2.03
N GLU A 240 10.93 4.11 1.74
CA GLU A 240 9.85 3.23 2.16
C GLU A 240 10.32 1.79 1.98
N MET A 241 9.46 0.84 2.36
CA MET A 241 9.69 -0.57 2.05
C MET A 241 9.13 -0.88 0.68
N GLY A 242 9.33 -2.12 0.22
CA GLY A 242 8.85 -2.53 -1.11
C GLY A 242 7.34 -2.47 -1.28
N GLY A 243 6.61 -2.51 -0.18
CA GLY A 243 5.14 -2.47 -0.22
C GLY A 243 4.49 -1.80 0.97
N MET A 244 5.25 -1.01 1.71
CA MET A 244 4.78 -0.39 2.95
C MET A 244 5.54 0.90 3.21
N ASN A 245 4.93 1.83 3.95
CA ASN A 245 5.68 2.98 4.44
C ASN A 245 6.31 2.63 5.78
N ILE A 246 7.21 3.49 6.25
CA ILE A 246 7.98 3.22 7.47
C ILE A 246 7.83 4.37 8.48
N PHE A 247 7.62 3.98 9.74
CA PHE A 247 7.58 4.92 10.86
C PHE A 247 8.66 4.62 11.91
N PHE A 248 9.16 5.67 12.56
CA PHE A 248 10.04 5.55 13.71
C PHE A 248 9.38 6.15 14.93
N VAL A 249 9.59 5.50 16.07
CA VAL A 249 9.12 6.03 17.35
C VAL A 249 10.37 6.47 18.12
N LEU A 250 10.43 7.75 18.46
CA LEU A 250 11.54 8.27 19.27
C LEU A 250 11.05 8.55 20.68
N GLY A 251 11.80 8.08 21.67
CA GLY A 251 11.40 8.23 23.07
C GLY A 251 10.29 7.28 23.48
N SER A 252 9.77 7.48 24.69
CA SER A 252 8.71 6.63 25.23
C SER A 252 7.80 7.43 26.18
N GLY A 253 6.67 6.83 26.55
CA GLY A 253 5.71 7.51 27.42
C GLY A 253 5.07 8.70 26.75
N GLY A 254 4.72 9.71 27.53
CA GLY A 254 4.10 10.94 27.02
C GLY A 254 5.06 11.73 26.13
N SER A 255 6.34 11.41 26.26
CA SER A 255 7.41 12.04 25.50
C SER A 255 7.56 11.46 24.08
N ALA A 256 6.98 10.29 23.85
CA ALA A 256 7.13 9.57 22.57
C ALA A 256 6.76 10.43 21.34
N ARG A 257 7.61 10.37 20.33
CA ARG A 257 7.41 11.11 19.07
C ARG A 257 7.33 10.13 17.91
N LEU A 258 6.53 10.46 16.89
CA LEU A 258 6.53 9.69 15.65
C LEU A 258 7.26 10.47 14.56
N VAL A 259 8.18 9.80 13.86
CA VAL A 259 8.73 10.39 12.64
C VAL A 259 8.63 9.44 11.45
N THR A 260 8.25 9.99 10.31
CA THR A 260 8.16 9.22 9.07
C THR A 260 8.77 10.03 7.94
N PRO A 261 9.42 9.36 6.96
CA PRO A 261 9.88 10.10 5.79
C PRO A 261 8.81 11.03 5.17
N GLU A 262 9.16 12.30 5.01
CA GLU A 262 8.30 13.25 4.31
C GLU A 262 8.09 12.79 2.87
N LEU A 263 7.00 13.23 2.24
CA LEU A 263 6.73 12.87 0.86
C LEU A 263 7.80 13.48 -0.06
N SER A 264 8.71 12.63 -0.52
CA SER A 264 9.89 13.02 -1.27
C SER A 264 9.63 13.26 -2.76
N GLY A 265 8.50 12.73 -3.25
CA GLY A 265 8.21 12.70 -4.68
C GLY A 265 8.62 11.38 -5.32
N SER A 266 9.25 10.50 -4.54
CA SER A 266 9.71 9.21 -5.06
C SER A 266 9.33 8.02 -4.16
N LEU A 267 8.52 8.28 -3.14
CA LEU A 267 7.90 7.25 -2.29
C LEU A 267 6.37 7.42 -2.30
N LEU A 268 5.64 6.34 -2.04
CA LEU A 268 4.18 6.35 -2.17
C LEU A 268 3.52 7.02 -0.99
N PRO A 269 2.59 7.96 -1.27
CA PRO A 269 1.79 8.52 -0.18
C PRO A 269 0.77 7.47 0.27
N GLY A 270 1.18 6.61 1.19
CA GLY A 270 0.32 5.53 1.66
C GLY A 270 -0.86 6.09 2.42
N ILE A 271 -2.01 5.45 2.24
CA ILE A 271 -3.25 5.83 2.93
C ILE A 271 -3.20 5.41 4.40
N THR A 272 -2.61 4.24 4.69
CA THR A 272 -2.40 3.83 6.08
C THR A 272 -1.50 4.86 6.79
N ARG A 273 -0.42 5.26 6.11
CA ARG A 273 0.50 6.29 6.59
C ARG A 273 -0.23 7.57 6.99
N ASP A 274 -1.08 8.08 6.09
CA ASP A 274 -1.82 9.30 6.40
C ASP A 274 -2.79 9.12 7.58
N SER A 275 -3.45 7.96 7.63
CA SER A 275 -4.34 7.60 8.73
C SER A 275 -3.63 7.56 10.09
N LEU A 276 -2.42 7.03 10.10
CA LEU A 276 -1.64 6.90 11.34
C LEU A 276 -1.09 8.22 11.84
N LEU A 277 -0.76 9.13 10.93
CA LEU A 277 -0.43 10.50 11.32
C LEU A 277 -1.62 11.13 12.05
N GLN A 278 -2.82 10.96 11.49
CA GLN A 278 -4.05 11.43 12.14
C GLN A 278 -4.28 10.82 13.52
N LEU A 279 -4.18 9.48 13.61
CA LEU A 279 -4.40 8.79 14.89
C LEU A 279 -3.36 9.16 15.96
N ALA A 280 -2.13 9.43 15.54
CA ALA A 280 -1.09 9.88 16.47
C ALA A 280 -1.43 11.26 17.05
N ILE A 281 -1.88 12.16 16.18
CA ILE A 281 -2.36 13.48 16.59
C ILE A 281 -3.53 13.31 17.58
N ASP A 282 -4.51 12.46 17.21
CA ASP A 282 -5.65 12.11 18.08
C ASP A 282 -5.21 11.66 19.48
N ALA A 283 -4.14 10.85 19.51
CA ALA A 283 -3.65 10.25 20.75
C ALA A 283 -2.72 11.18 21.53
N GLY A 284 -2.40 12.33 20.94
CA GLY A 284 -1.55 13.33 21.59
C GLY A 284 -0.06 13.18 21.37
N PHE A 285 0.35 12.35 20.42
CA PHE A 285 1.77 12.21 20.08
C PHE A 285 2.18 13.30 19.11
N ALA A 286 3.37 13.87 19.29
CA ALA A 286 3.93 14.77 18.29
C ALA A 286 4.32 13.93 17.08
N VAL A 287 4.07 14.46 15.88
CA VAL A 287 4.49 13.77 14.64
C VAL A 287 5.34 14.66 13.75
N GLU A 288 6.28 14.04 13.06
CA GLU A 288 7.19 14.74 12.16
C GLU A 288 7.23 14.02 10.82
N GLU A 289 6.95 14.75 9.75
CA GLU A 289 7.26 14.27 8.42
C GLU A 289 8.50 15.04 7.99
N ARG A 290 9.63 14.34 7.99
CA ARG A 290 10.88 14.96 7.63
C ARG A 290 11.77 13.93 6.96
N ARG A 291 12.93 14.38 6.51
CA ARG A 291 13.93 13.48 5.99
C ARG A 291 14.66 12.85 7.17
N ILE A 292 14.95 11.56 7.04
CA ILE A 292 15.72 10.82 8.02
C ILE A 292 16.60 9.86 7.24
N ASP A 293 17.90 9.85 7.54
CA ASP A 293 18.80 8.95 6.82
C ASP A 293 19.18 7.68 7.59
N ILE A 294 19.80 6.75 6.89
CA ILE A 294 20.19 5.47 7.45
C ILE A 294 21.20 5.60 8.61
N ASP A 295 22.09 6.59 8.52
CA ASP A 295 23.03 6.89 9.60
C ASP A 295 22.32 7.26 10.90
N GLU A 296 21.35 8.19 10.81
CA GLU A 296 20.57 8.62 11.97
C GLU A 296 19.82 7.44 12.59
N TRP A 297 19.16 6.65 11.74
CA TRP A 297 18.44 5.45 12.17
C TRP A 297 19.36 4.54 12.98
N GLN A 298 20.46 4.10 12.37
CA GLN A 298 21.44 3.21 13.02
C GLN A 298 21.98 3.78 14.34
N LYS A 299 22.39 5.04 14.30
CA LYS A 299 22.95 5.76 15.46
C LYS A 299 21.94 5.90 16.61
N LYS A 300 20.75 6.42 16.29
CA LYS A 300 19.70 6.63 17.30
C LYS A 300 19.10 5.33 17.85
N ALA A 301 19.09 4.27 17.05
CA ALA A 301 18.66 2.95 17.54
C ALA A 301 19.67 2.38 18.53
N ALA A 302 20.96 2.48 18.19
CA ALA A 302 22.04 2.05 19.09
C ALA A 302 22.00 2.81 20.42
N ALA A 303 21.76 4.12 20.36
CA ALA A 303 21.68 4.99 21.54
C ALA A 303 20.37 4.85 22.32
N GLY A 304 19.41 4.12 21.76
CA GLY A 304 18.12 3.92 22.41
C GLY A 304 17.11 5.06 22.26
N GLU A 305 17.43 6.04 21.41
CA GLU A 305 16.49 7.13 21.15
C GLU A 305 15.35 6.64 20.27
N ILE A 306 15.67 5.94 19.18
CA ILE A 306 14.66 5.21 18.42
C ILE A 306 14.30 3.94 19.22
N THR A 307 13.10 3.95 19.79
CA THR A 307 12.64 2.87 20.65
C THR A 307 11.83 1.82 19.90
N GLU A 308 11.23 2.22 18.77
CA GLU A 308 10.43 1.32 17.94
C GLU A 308 10.51 1.73 16.48
N VAL A 309 10.35 0.76 15.60
CA VAL A 309 10.17 0.96 14.17
C VAL A 309 9.05 0.04 13.68
N PHE A 310 8.18 0.57 12.83
CA PHE A 310 7.15 -0.25 12.19
C PHE A 310 6.92 0.13 10.73
N ALA A 311 6.42 -0.83 9.95
CA ALA A 311 6.00 -0.60 8.59
C ALA A 311 4.48 -0.61 8.56
N CYS A 312 3.88 0.12 7.61
CA CYS A 312 2.43 0.18 7.53
C CYS A 312 1.93 0.10 6.08
N GLY A 313 0.74 -0.47 5.91
CA GLY A 313 0.20 -0.68 4.58
C GLY A 313 -1.13 -1.38 4.69
N THR A 314 -1.87 -1.40 3.60
CA THR A 314 -3.20 -2.00 3.56
C THR A 314 -3.24 -3.45 4.06
N ALA A 315 -2.42 -4.32 3.50
CA ALA A 315 -2.46 -5.76 3.79
C ALA A 315 -2.24 -6.11 5.26
N ALA A 316 -1.13 -5.62 5.83
CA ALA A 316 -0.73 -5.99 7.19
C ALA A 316 -1.14 -4.97 8.28
N VAL A 317 -1.62 -3.81 7.84
CA VAL A 317 -1.91 -2.67 8.71
C VAL A 317 -0.63 -2.04 9.29
N ILE A 318 -0.07 -2.69 10.30
CA ILE A 318 1.20 -2.29 10.92
C ILE A 318 2.00 -3.56 11.23
N THR A 319 3.25 -3.57 10.78
CA THR A 319 4.17 -4.68 11.04
C THR A 319 5.37 -4.15 11.80
N PRO A 320 5.61 -4.66 13.04
CA PRO A 320 6.79 -4.22 13.78
C PRO A 320 8.09 -4.62 13.06
N VAL A 321 9.12 -3.77 13.17
CA VAL A 321 10.43 -4.06 12.58
C VAL A 321 11.41 -4.33 13.73
N ALA A 322 12.01 -5.52 13.73
CA ALA A 322 12.88 -5.98 14.81
C ALA A 322 14.36 -5.73 14.57
N ARG A 323 14.81 -5.98 13.35
CA ARG A 323 16.25 -5.92 13.04
C ARG A 323 16.47 -5.41 11.64
N VAL A 324 17.64 -4.79 11.45
CA VAL A 324 17.99 -4.15 10.20
C VAL A 324 19.38 -4.63 9.81
N ARG A 325 19.52 -5.02 8.54
CA ARG A 325 20.83 -5.33 7.96
C ARG A 325 21.20 -4.21 6.98
N HIS A 326 22.28 -3.52 7.30
CA HIS A 326 22.78 -2.46 6.43
C HIS A 326 24.23 -2.76 6.06
N GLY A 327 24.42 -3.29 4.86
CA GLY A 327 25.72 -3.81 4.43
C GLY A 327 26.09 -4.99 5.30
N ALA A 328 27.27 -4.93 5.91
CA ALA A 328 27.76 -6.02 6.76
C ALA A 328 27.09 -6.03 8.13
N SER A 329 26.63 -4.87 8.57
CA SER A 329 26.17 -4.67 9.95
C SER A 329 24.68 -4.99 10.13
N GLU A 330 24.36 -5.68 11.22
CA GLU A 330 22.97 -5.94 11.61
C GLU A 330 22.71 -5.32 12.98
N PHE A 331 21.63 -4.57 13.10
CA PHE A 331 21.26 -3.97 14.39
C PHE A 331 19.81 -4.22 14.78
N ARG A 332 19.58 -4.35 16.09
CA ARG A 332 18.27 -4.69 16.64
C ARG A 332 17.60 -3.40 17.10
N ILE A 333 16.28 -3.34 16.96
CA ILE A 333 15.48 -2.24 17.47
C ILE A 333 15.00 -2.61 18.86
N ALA A 334 15.46 -1.87 19.87
CA ALA A 334 15.19 -2.19 21.28
C ALA A 334 15.47 -3.66 21.61
N ASP A 335 14.48 -4.37 22.16
CA ASP A 335 14.60 -5.80 22.48
C ASP A 335 14.10 -6.71 21.36
N GLY A 336 13.86 -6.11 20.19
CA GLY A 336 13.35 -6.83 19.04
C GLY A 336 11.89 -7.23 19.14
N GLN A 337 11.21 -6.75 20.17
CA GLN A 337 9.78 -7.07 20.36
C GLN A 337 8.92 -5.91 19.86
N PRO A 338 7.64 -6.20 19.52
CA PRO A 338 6.74 -5.11 19.11
C PRO A 338 6.66 -4.01 20.16
N GLY A 339 6.78 -2.77 19.70
CA GLY A 339 6.79 -1.62 20.58
C GLY A 339 5.41 -1.25 21.09
N GLU A 340 5.37 -0.47 22.18
CA GLU A 340 4.09 -0.09 22.79
C GLU A 340 3.27 0.89 21.93
N VAL A 341 3.92 1.91 21.37
CA VAL A 341 3.24 2.86 20.46
C VAL A 341 2.74 2.15 19.19
N THR A 342 3.63 1.34 18.60
CA THR A 342 3.32 0.50 17.44
C THR A 342 2.02 -0.28 17.66
N MET A 343 1.93 -0.96 18.80
CA MET A 343 0.81 -1.83 19.06
CA MET A 343 0.82 -1.86 19.13
C MET A 343 -0.46 -1.08 19.45
N ALA A 344 -0.30 0.06 20.13
CA ALA A 344 -1.41 0.96 20.46
C ALA A 344 -2.07 1.54 19.20
N LEU A 345 -1.25 2.08 18.30
CA LEU A 345 -1.75 2.59 17.03
C LEU A 345 -2.44 1.50 16.21
N ARG A 346 -1.87 0.29 16.20
CA ARG A 346 -2.47 -0.82 15.47
C ARG A 346 -3.82 -1.21 16.05
N ASP A 347 -3.90 -1.24 17.39
CA ASP A 347 -5.15 -1.52 18.08
C ASP A 347 -6.24 -0.53 17.66
N THR A 348 -5.90 0.76 17.68
CA THR A 348 -6.85 1.81 17.32
C THR A 348 -7.29 1.69 15.87
N LEU A 349 -6.34 1.57 14.93
CA LEU A 349 -6.73 1.59 13.53
C LEU A 349 -7.57 0.36 13.15
N THR A 350 -7.16 -0.81 13.63
CA THR A 350 -7.89 -2.06 13.35
C THR A 350 -9.28 -1.97 13.97
N GLY A 351 -9.37 -1.39 15.17
CA GLY A 351 -10.67 -1.22 15.85
C GLY A 351 -11.63 -0.38 15.03
N ILE A 352 -11.15 0.75 14.50
CA ILE A 352 -11.96 1.60 13.62
C ILE A 352 -12.41 0.83 12.38
N GLN A 353 -11.48 0.08 11.79
CA GLN A 353 -11.74 -0.69 10.59
C GLN A 353 -12.74 -1.83 10.83
N ARG A 354 -12.78 -2.32 12.06
CA ARG A 354 -13.67 -3.42 12.44
C ARG A 354 -14.97 -2.94 13.08
N GLY A 355 -15.11 -1.62 13.25
CA GLY A 355 -16.32 -1.04 13.81
C GLY A 355 -16.44 -1.16 15.31
N THR A 356 -15.33 -1.40 16.00
CA THR A 356 -15.34 -1.51 17.45
C THR A 356 -14.87 -0.24 18.14
N PHE A 357 -14.31 0.67 17.35
CA PHE A 357 -14.07 2.04 17.78
C PHE A 357 -14.82 2.99 16.88
N ALA A 358 -15.26 4.12 17.43
CA ALA A 358 -15.93 5.18 16.66
C ALA A 358 -15.03 5.73 15.54
N ASP A 359 -15.66 6.13 14.45
CA ASP A 359 -15.00 6.57 13.22
C ASP A 359 -15.05 8.09 13.16
N THR A 360 -14.19 8.74 13.95
CA THR A 360 -14.21 10.22 14.10
C THR A 360 -14.07 10.96 12.77
N HIS A 361 -13.25 10.40 11.88
CA HIS A 361 -12.84 11.07 10.67
C HIS A 361 -13.62 10.69 9.43
N GLY A 362 -14.62 9.82 9.58
CA GLY A 362 -15.50 9.43 8.48
C GLY A 362 -14.80 8.60 7.44
N TRP A 363 -13.94 7.68 7.90
CA TRP A 363 -13.15 6.83 7.01
C TRP A 363 -13.94 5.64 6.48
N MET A 364 -14.93 5.20 7.25
CA MET A 364 -15.64 3.96 6.92
C MET A 364 -16.89 4.25 6.09
N ALA A 365 -17.13 3.44 5.07
CA ALA A 365 -18.33 3.56 4.21
C ALA A 365 -18.95 2.19 3.94
N ARG A 366 -20.27 2.16 3.78
CA ARG A 366 -20.96 0.91 3.43
C ARG A 366 -20.72 0.54 1.96
N LEU A 367 -20.26 -0.69 1.73
CA LEU A 367 -20.14 -1.24 0.39
C LEU A 367 -21.30 -2.18 0.04
N GLY A 368 -21.85 -2.82 1.06
N GLY A 368 -21.86 -2.84 1.04
CA GLY A 368 -22.94 -3.78 0.88
CA GLY A 368 -22.93 -3.81 0.82
C GLY A 368 -23.66 -4.07 2.18
C GLY A 368 -23.30 -4.63 2.03
N1 PMP B . 4.56 1.89 -0.39
C2 PMP B . 4.42 1.06 -1.44
C2A PMP B . 5.51 0.91 -2.44
C3 PMP B . 3.27 0.29 -1.56
O3 PMP B . 3.12 -0.60 -2.56
C4 PMP B . 2.28 0.41 -0.57
C4A PMP B . 1.04 -0.43 -0.68
N4A PMP B . 0.27 0.29 -1.62
C5 PMP B . 2.45 1.31 0.47
C6 PMP B . 3.62 2.01 0.54
C5A PMP B . 1.36 1.54 1.50
O4P PMP B . 0.24 2.06 0.93
P PMP B . -1.16 1.98 1.58
O1P PMP B . -1.59 0.63 1.46
O2P PMP B . -1.08 2.32 2.93
O3P PMP B . -2.02 2.83 0.85
#